data_8T8Z
#
_entry.id   8T8Z
#
_cell.length_a   63.841
_cell.length_b   103.835
_cell.length_c   102.719
_cell.angle_alpha   90.00
_cell.angle_beta   90.00
_cell.angle_gamma   90.00
#
_symmetry.space_group_name_H-M   'C 2 2 21'
#
loop_
_entity.id
_entity.type
_entity.pdbx_description
1 polymer Kinase
2 non-polymer "ADENOSINE-5'-DIPHOSPHATE"
3 non-polymer 'MAGNESIUM ION'
4 non-polymer '(1S,2R,3S,4S,5S,6S)-6-hydroxycyclohexane-1,2,3,4,5-pentayl pentakis[dihydrogen (phosphate)]'
5 water water
#
_entity_poly.entity_id   1
_entity_poly.type   'polypeptide(L)'
_entity_poly.pdbx_seq_one_letter_code
;DITNMSNIDLQSSKSVADEVIADIAEIVNKESIRIFPRIAGRSYIIYGQTSGIICKRMEKSDNEFVIYNYISEHYDKFLK
KYVPKLYGKNNDMLLLEDLTYNYNNPNVMDVKIGARKRKSHTSGFFSIRGYTNSHDYKFDPDEYLTSESTINHIKNFMEA
GGENRDKTKQVLLKWIMKLSELANDLFEINLKFDGVSLIFIYDDDCSKCDVNVVDFSRVKLIDTNDQMTISAVTNLIKIL
SELADNPLN
;
_entity_poly.pdbx_strand_id   A
#
# COMPACT_ATOMS: atom_id res chain seq x y z
N SER A 32 16.26 22.33 -9.03
CA SER A 32 16.65 21.39 -7.94
C SER A 32 15.68 20.19 -7.93
N ILE A 33 16.12 19.03 -8.41
CA ILE A 33 15.40 17.71 -8.31
C ILE A 33 15.60 17.14 -6.90
N ARG A 34 14.51 16.93 -6.15
CA ARG A 34 14.55 16.31 -4.79
C ARG A 34 14.00 14.88 -4.92
N ILE A 35 14.84 13.86 -4.66
CA ILE A 35 14.46 12.42 -4.69
C ILE A 35 13.47 12.17 -3.55
N PHE A 36 12.36 11.47 -3.86
CA PHE A 36 11.29 11.10 -2.92
C PHE A 36 11.72 9.87 -2.12
N PRO A 37 11.57 9.87 -0.77
CA PRO A 37 11.95 8.74 0.08
C PRO A 37 11.01 7.52 -0.04
N ARG A 38 11.15 6.77 -1.15
CA ARG A 38 10.48 5.47 -1.38
C ARG A 38 10.65 4.57 -0.15
N ILE A 39 9.72 3.63 0.03
CA ILE A 39 9.91 2.54 1.03
C ILE A 39 10.30 1.27 0.25
N ALA A 40 9.92 1.13 -1.03
CA ALA A 40 10.26 -0.06 -1.84
C ALA A 40 10.32 0.24 -3.34
N GLY A 41 10.77 -0.75 -4.11
CA GLY A 41 10.70 -0.77 -5.58
C GLY A 41 11.92 -0.17 -6.23
N ARG A 42 11.96 -0.23 -7.57
CA ARG A 42 13.12 0.10 -8.44
C ARG A 42 12.90 1.42 -9.18
N SER A 43 11.70 2.02 -9.07
CA SER A 43 11.20 3.13 -9.92
C SER A 43 11.78 4.49 -9.49
N TYR A 44 11.96 5.36 -10.49
CA TYR A 44 12.38 6.77 -10.30
C TYR A 44 11.15 7.55 -9.86
N ILE A 45 11.17 8.04 -8.63
CA ILE A 45 10.11 8.89 -8.02
C ILE A 45 10.79 10.08 -7.36
N ILE A 46 10.46 11.28 -7.85
CA ILE A 46 10.99 12.55 -7.29
C ILE A 46 9.79 13.31 -6.74
N TYR A 47 10.00 14.18 -5.77
CA TYR A 47 9.03 15.25 -5.44
C TYR A 47 8.70 16.04 -6.71
N GLY A 48 7.45 16.45 -6.86
CA GLY A 48 7.03 17.43 -7.89
C GLY A 48 7.62 18.80 -7.60
N GLN A 49 7.67 19.64 -8.64
CA GLN A 49 8.05 21.07 -8.54
C GLN A 49 7.13 21.79 -7.55
N THR A 50 5.99 21.18 -7.21
CA THR A 50 4.81 21.75 -6.51
C THR A 50 4.45 20.92 -5.27
N SER A 51 3.96 21.57 -4.22
CA SER A 51 3.37 20.96 -3.00
C SER A 51 2.38 19.87 -3.39
N GLY A 52 2.48 18.67 -2.77
CA GLY A 52 1.45 17.63 -2.68
C GLY A 52 1.54 16.60 -3.81
N ILE A 53 2.61 16.68 -4.59
CA ILE A 53 2.74 15.84 -5.81
C ILE A 53 4.07 15.10 -5.80
N ILE A 54 4.02 13.87 -6.30
CA ILE A 54 5.22 13.08 -6.66
C ILE A 54 5.09 12.71 -8.14
N CYS A 55 6.22 12.63 -8.80
CA CYS A 55 6.29 12.16 -10.20
C CYS A 55 6.90 10.77 -10.15
N LYS A 56 6.26 9.81 -10.84
CA LYS A 56 6.76 8.42 -10.98
C LYS A 56 7.02 8.11 -12.45
N ARG A 57 8.26 7.73 -12.80
CA ARG A 57 8.66 7.32 -14.17
C ARG A 57 8.04 5.94 -14.42
N MET A 58 7.27 5.83 -15.50
CA MET A 58 6.88 4.54 -16.12
C MET A 58 8.10 4.04 -16.90
N GLU A 59 8.72 2.95 -16.45
CA GLU A 59 10.06 2.50 -16.91
C GLU A 59 9.92 1.58 -18.12
N LYS A 60 8.98 0.63 -18.07
CA LYS A 60 8.93 -0.49 -19.05
C LYS A 60 7.84 -0.24 -20.08
N SER A 61 6.74 0.39 -19.69
CA SER A 61 5.60 0.70 -20.59
C SER A 61 4.68 1.71 -19.92
N ASP A 62 3.69 2.21 -20.64
CA ASP A 62 2.65 3.14 -20.13
C ASP A 62 1.46 2.35 -19.56
N ASN A 63 1.59 1.04 -19.32
CA ASN A 63 0.46 0.19 -18.86
C ASN A 63 -0.17 0.81 -17.59
N GLU A 64 0.62 1.35 -16.66
CA GLU A 64 0.08 1.98 -15.43
C GLU A 64 -0.93 3.09 -15.79
N PHE A 65 -0.63 3.92 -16.78
CA PHE A 65 -1.50 5.02 -17.26
C PHE A 65 -2.77 4.42 -17.89
N VAL A 66 -2.62 3.47 -18.80
CA VAL A 66 -3.79 2.77 -19.43
C VAL A 66 -4.71 2.28 -18.30
N ILE A 67 -4.13 1.70 -17.26
CA ILE A 67 -4.92 1.08 -16.16
C ILE A 67 -5.59 2.18 -15.31
N TYR A 68 -4.92 3.26 -14.89
CA TYR A 68 -5.61 4.39 -14.18
C TYR A 68 -6.83 4.80 -15.00
N ASN A 69 -6.65 5.00 -16.30
CA ASN A 69 -7.69 5.57 -17.18
C ASN A 69 -8.84 4.56 -17.32
N TYR A 70 -8.55 3.25 -17.42
CA TYR A 70 -9.57 2.18 -17.48
C TYR A 70 -10.36 2.13 -16.16
N ILE A 71 -9.68 2.24 -15.03
CA ILE A 71 -10.35 2.18 -13.71
C ILE A 71 -11.24 3.41 -13.59
N SER A 72 -10.75 4.57 -14.04
CA SER A 72 -11.51 5.84 -14.09
C SER A 72 -12.83 5.67 -14.86
N GLU A 73 -12.80 5.11 -16.07
CA GLU A 73 -14.00 4.88 -16.92
C GLU A 73 -14.95 3.91 -16.20
N HIS A 74 -14.49 2.73 -15.79
CA HIS A 74 -15.33 1.53 -15.50
C HIS A 74 -15.57 1.34 -14.00
N TYR A 75 -14.76 1.91 -13.13
CA TYR A 75 -14.85 1.74 -11.65
C TYR A 75 -14.46 3.06 -10.97
N ASP A 76 -15.11 4.17 -11.32
CA ASP A 76 -14.71 5.51 -10.81
C ASP A 76 -14.74 5.50 -9.28
N LYS A 77 -15.71 4.82 -8.66
CA LYS A 77 -15.92 4.86 -7.20
C LYS A 77 -14.70 4.21 -6.51
N PHE A 78 -14.25 3.06 -7.01
CA PHE A 78 -13.06 2.34 -6.50
C PHE A 78 -11.85 3.29 -6.57
N LEU A 79 -11.72 4.05 -7.65
CA LEU A 79 -10.59 4.98 -7.85
C LEU A 79 -10.59 6.06 -6.78
N LYS A 80 -11.76 6.61 -6.48
CA LYS A 80 -11.91 7.77 -5.57
C LYS A 80 -11.58 7.30 -4.15
N LYS A 81 -11.96 6.08 -3.77
CA LYS A 81 -11.90 5.66 -2.36
C LYS A 81 -10.49 5.12 -2.01
N TYR A 82 -9.81 4.44 -2.93
CA TYR A 82 -8.68 3.53 -2.59
C TYR A 82 -7.37 3.91 -3.30
N VAL A 83 -7.40 4.70 -4.38
CA VAL A 83 -6.19 5.04 -5.20
C VAL A 83 -5.83 6.51 -5.04
N PRO A 84 -4.52 6.86 -4.93
CA PRO A 84 -4.10 8.25 -4.99
C PRO A 84 -4.54 8.81 -6.34
N LYS A 85 -4.90 10.09 -6.35
CA LYS A 85 -5.39 10.81 -7.55
C LYS A 85 -4.22 10.87 -8.52
N LEU A 86 -4.48 10.51 -9.77
CA LEU A 86 -3.64 10.86 -10.92
C LEU A 86 -4.08 12.25 -11.38
N TYR A 87 -3.16 13.22 -11.38
CA TYR A 87 -3.43 14.62 -11.77
C TYR A 87 -3.13 14.83 -13.26
N GLY A 88 -2.13 14.11 -13.77
CA GLY A 88 -1.67 14.29 -15.16
C GLY A 88 -0.51 13.38 -15.52
N LYS A 89 -0.13 13.43 -16.79
CA LYS A 89 1.05 12.74 -17.34
C LYS A 89 1.93 13.79 -18.00
N ASN A 90 3.23 13.66 -17.81
CA ASN A 90 4.26 14.52 -18.43
C ASN A 90 5.32 13.60 -19.03
N ASN A 91 5.26 13.41 -20.36
CA ASN A 91 5.99 12.38 -21.14
C ASN A 91 5.74 11.02 -20.48
N ASP A 92 6.69 10.54 -19.69
CA ASP A 92 6.70 9.18 -19.09
C ASP A 92 6.55 9.26 -17.56
N MET A 93 6.29 10.44 -17.00
CA MET A 93 6.04 10.62 -15.53
C MET A 93 4.52 10.76 -15.29
N LEU A 94 4.02 10.06 -14.26
CA LEU A 94 2.66 10.26 -13.71
C LEU A 94 2.76 11.26 -12.56
N LEU A 95 1.93 12.30 -12.57
CA LEU A 95 1.86 13.26 -11.45
C LEU A 95 0.80 12.73 -10.48
N LEU A 96 1.22 12.24 -9.33
CA LEU A 96 0.40 11.44 -8.40
C LEU A 96 0.27 12.22 -7.10
N GLU A 97 -0.87 12.05 -6.42
CA GLU A 97 -1.08 12.57 -5.06
C GLU A 97 -0.02 12.00 -4.15
N ASP A 98 0.69 12.85 -3.40
CA ASP A 98 1.67 12.41 -2.38
C ASP A 98 0.87 12.04 -1.13
N LEU A 99 0.76 10.73 -0.86
CA LEU A 99 0.01 10.13 0.29
C LEU A 99 0.62 10.52 1.63
N THR A 100 1.87 10.99 1.66
CA THR A 100 2.55 11.35 2.92
C THR A 100 2.42 12.84 3.17
N TYR A 101 1.79 13.58 2.25
CA TYR A 101 1.88 15.05 2.24
C TYR A 101 1.32 15.65 3.54
N ASN A 102 0.16 15.22 4.03
CA ASN A 102 -0.45 15.95 5.17
C ASN A 102 0.02 15.38 6.50
N TYR A 103 1.24 14.88 6.59
CA TYR A 103 1.74 14.17 7.80
C TYR A 103 3.00 14.89 8.29
N ASN A 104 2.97 15.33 9.55
CA ASN A 104 4.15 15.80 10.29
C ASN A 104 5.19 14.69 10.30
N ASN A 105 4.87 13.49 10.82
CA ASN A 105 5.84 12.37 10.97
C ASN A 105 5.25 11.08 10.39
N PRO A 106 5.29 10.88 9.07
CA PRO A 106 4.62 9.72 8.50
C PRO A 106 5.42 8.47 8.82
N ASN A 107 4.72 7.39 9.15
CA ASN A 107 5.28 6.01 9.11
C ASN A 107 4.61 5.31 7.91
N VAL A 108 5.41 4.79 6.99
CA VAL A 108 4.91 4.13 5.76
C VAL A 108 5.34 2.67 5.77
N MET A 109 4.43 1.77 5.36
CA MET A 109 4.68 0.33 5.13
C MET A 109 4.10 -0.05 3.77
N ASP A 110 4.89 -0.73 2.95
CA ASP A 110 4.49 -1.18 1.60
C ASP A 110 4.23 -2.67 1.74
N VAL A 111 3.03 -3.14 1.42
CA VAL A 111 2.69 -4.58 1.44
C VAL A 111 2.20 -4.96 0.04
N LYS A 112 2.91 -5.85 -0.65
CA LYS A 112 2.50 -6.33 -1.99
C LYS A 112 1.39 -7.36 -1.76
N ILE A 113 0.19 -7.06 -2.21
CA ILE A 113 -1.01 -7.93 -2.03
C ILE A 113 -1.33 -8.61 -3.36
N GLY A 114 -0.83 -8.08 -4.46
CA GLY A 114 -1.03 -8.68 -5.78
C GLY A 114 -0.01 -9.78 -6.04
N ALA A 115 -0.22 -10.59 -7.08
CA ALA A 115 0.70 -11.69 -7.46
C ALA A 115 2.08 -11.09 -7.72
N ARG A 116 3.14 -11.78 -7.29
CA ARG A 116 4.54 -11.44 -7.64
C ARG A 116 4.84 -12.08 -8.99
N LYS A 117 5.82 -11.56 -9.72
CA LYS A 117 6.13 -11.97 -11.11
C LYS A 117 6.38 -13.50 -11.11
N ARG A 118 7.32 -14.00 -10.31
CA ARG A 118 7.78 -15.42 -10.36
C ARG A 118 7.69 -16.02 -8.96
N LYS A 119 8.35 -15.40 -7.99
CA LYS A 119 8.40 -15.83 -6.57
C LYS A 119 6.98 -16.11 -6.05
N SER A 120 6.89 -16.92 -5.00
CA SER A 120 5.73 -16.97 -4.06
C SER A 120 5.89 -15.83 -3.03
N HIS A 121 4.84 -15.56 -2.23
CA HIS A 121 4.81 -14.45 -1.26
C HIS A 121 5.65 -14.80 -0.03
N THR A 122 6.29 -13.79 0.57
CA THR A 122 7.21 -13.98 1.72
C THR A 122 6.44 -14.17 3.04
N SER A 123 5.13 -13.89 3.08
CA SER A 123 4.28 -14.05 4.31
C SER A 123 2.99 -14.78 3.94
N GLY A 124 3.02 -15.62 2.90
CA GLY A 124 1.91 -16.52 2.53
C GLY A 124 1.05 -15.90 1.46
N PHE A 125 0.12 -15.03 1.85
CA PHE A 125 -0.87 -14.41 0.92
C PHE A 125 -0.44 -13.00 0.49
N PHE A 126 0.63 -12.46 1.11
CA PHE A 126 1.17 -11.12 0.84
C PHE A 126 2.66 -11.07 1.19
N SER A 127 3.33 -9.98 0.81
CA SER A 127 4.78 -9.72 1.04
C SER A 127 4.98 -8.27 1.48
N ILE A 128 5.34 -8.07 2.74
CA ILE A 128 5.86 -6.77 3.25
C ILE A 128 7.15 -6.50 2.48
N ARG A 129 7.20 -5.37 1.76
CA ARG A 129 8.35 -4.95 0.93
C ARG A 129 9.21 -3.98 1.71
N GLY A 130 8.65 -3.31 2.70
CA GLY A 130 9.45 -2.45 3.59
C GLY A 130 8.58 -1.66 4.54
N TYR A 131 9.20 -0.96 5.47
CA TYR A 131 8.49 0.03 6.33
C TYR A 131 9.50 0.96 7.02
N THR A 132 9.02 2.13 7.42
CA THR A 132 9.81 3.21 8.07
C THR A 132 10.54 2.57 9.25
N ASN A 133 11.88 2.70 9.29
CA ASN A 133 12.79 2.16 10.35
C ASN A 133 12.95 0.62 10.26
N SER A 134 12.62 -0.02 9.14
CA SER A 134 12.65 -1.50 9.08
C SER A 134 14.09 -1.97 9.36
N HIS A 135 15.07 -1.16 8.97
CA HIS A 135 16.51 -1.51 9.10
C HIS A 135 16.84 -1.78 10.57
N ASP A 136 16.24 -1.06 11.52
CA ASP A 136 16.49 -1.15 12.98
C ASP A 136 16.03 -2.49 13.57
N TYR A 137 15.14 -3.23 12.87
CA TYR A 137 14.61 -4.56 13.26
C TYR A 137 15.13 -5.65 12.33
N LYS A 138 16.21 -5.34 11.61
CA LYS A 138 16.93 -6.31 10.73
C LYS A 138 15.90 -6.97 9.83
N PHE A 139 14.91 -6.20 9.39
CA PHE A 139 13.95 -6.59 8.33
C PHE A 139 14.70 -6.80 7.01
N ASP A 140 14.47 -7.94 6.38
CA ASP A 140 15.00 -8.31 5.04
C ASP A 140 13.80 -8.64 4.15
N PRO A 141 13.59 -7.90 3.06
CA PRO A 141 12.53 -8.24 2.10
C PRO A 141 12.64 -9.59 1.36
N ASP A 142 13.80 -10.25 1.37
CA ASP A 142 14.05 -11.55 0.68
C ASP A 142 13.74 -12.73 1.60
N GLU A 143 13.60 -12.48 2.91
CA GLU A 143 13.36 -13.52 3.94
C GLU A 143 11.88 -13.96 3.90
N TYR A 144 11.64 -15.26 3.75
CA TYR A 144 10.32 -15.92 3.92
C TYR A 144 10.05 -16.02 5.43
N LEU A 145 8.84 -15.64 5.88
CA LEU A 145 8.52 -15.45 7.31
C LEU A 145 7.42 -16.43 7.76
N THR A 146 7.52 -16.89 9.01
CA THR A 146 6.42 -17.54 9.75
C THR A 146 5.30 -16.50 9.99
N SER A 147 4.10 -16.96 10.32
CA SER A 147 2.99 -16.13 10.85
C SER A 147 3.50 -15.26 11.98
N GLU A 148 4.30 -15.83 12.88
CA GLU A 148 4.77 -15.14 14.11
C GLU A 148 5.66 -13.94 13.74
N SER A 149 6.52 -14.12 12.73
CA SER A 149 7.51 -13.12 12.26
C SER A 149 6.83 -11.97 11.53
N THR A 150 5.94 -12.33 10.60
CA THR A 150 5.03 -11.41 9.89
C THR A 150 4.33 -10.48 10.89
N ILE A 151 3.67 -11.05 11.90
CA ILE A 151 2.98 -10.25 12.95
C ILE A 151 4.04 -9.38 13.66
N ASN A 152 5.21 -9.91 14.00
CA ASN A 152 6.26 -9.13 14.71
C ASN A 152 6.69 -7.92 13.85
N HIS A 153 6.75 -8.07 12.53
CA HIS A 153 7.20 -6.98 11.63
C HIS A 153 6.11 -5.90 11.56
N ILE A 154 4.83 -6.29 11.49
CA ILE A 154 3.73 -5.31 11.57
C ILE A 154 3.76 -4.63 12.93
N LYS A 155 3.99 -5.36 14.03
CA LYS A 155 4.12 -4.76 15.38
C LYS A 155 5.30 -3.80 15.42
N ASN A 156 6.39 -4.12 14.72
CA ASN A 156 7.60 -3.26 14.61
C ASN A 156 7.21 -1.93 13.92
N PHE A 157 6.47 -2.01 12.82
CA PHE A 157 5.93 -0.82 12.09
C PHE A 157 5.13 0.09 13.02
N MET A 158 4.46 -0.44 14.04
CA MET A 158 3.57 0.33 14.94
C MET A 158 4.34 0.95 16.11
N GLU A 159 5.61 0.59 16.35
CA GLU A 159 6.34 1.06 17.57
C GLU A 159 6.36 2.59 17.57
N ALA A 160 6.64 3.20 16.41
CA ALA A 160 6.79 4.66 16.23
C ALA A 160 5.55 5.41 16.74
N GLY A 161 4.42 4.73 16.87
CA GLY A 161 3.15 5.30 17.33
C GLY A 161 3.09 5.42 18.85
N GLY A 162 4.14 4.97 19.54
CA GLY A 162 4.21 5.12 21.00
C GLY A 162 3.32 4.10 21.67
N GLU A 163 3.03 4.33 22.96
CA GLU A 163 2.53 3.31 23.91
C GLU A 163 1.11 3.65 24.39
N ASN A 164 0.53 4.78 23.96
CA ASN A 164 -0.92 5.03 24.13
C ASN A 164 -1.67 4.00 23.27
N ARG A 165 -1.93 2.81 23.81
CA ARG A 165 -2.47 1.67 23.04
C ARG A 165 -3.89 2.01 22.57
N ASP A 166 -4.58 2.95 23.21
CA ASP A 166 -5.90 3.44 22.75
C ASP A 166 -5.81 4.07 21.35
N LYS A 167 -4.83 4.93 21.07
CA LYS A 167 -4.79 5.62 19.75
C LYS A 167 -4.21 4.67 18.69
N THR A 168 -3.35 3.71 19.04
CA THR A 168 -2.84 2.69 18.07
C THR A 168 -3.96 1.71 17.71
N LYS A 169 -4.86 1.38 18.63
CA LYS A 169 -6.06 0.58 18.30
C LYS A 169 -6.89 1.35 17.27
N GLN A 170 -7.12 2.63 17.52
CA GLN A 170 -7.87 3.53 16.60
C GLN A 170 -7.25 3.52 15.20
N VAL A 171 -5.93 3.60 15.07
CA VAL A 171 -5.21 3.47 13.78
C VAL A 171 -5.51 2.11 13.16
N LEU A 172 -5.37 1.04 13.92
CA LEU A 172 -5.60 -0.33 13.39
C LEU A 172 -7.06 -0.43 12.90
N LEU A 173 -8.00 0.05 13.69
CA LEU A 173 -9.45 -0.12 13.41
C LEU A 173 -9.82 0.69 12.17
N LYS A 174 -9.27 1.89 12.03
CA LYS A 174 -9.56 2.73 10.85
C LYS A 174 -8.95 2.05 9.61
N TRP A 175 -7.84 1.33 9.74
CA TRP A 175 -7.29 0.57 8.60
C TRP A 175 -8.22 -0.60 8.29
N ILE A 176 -8.63 -1.33 9.31
CA ILE A 176 -9.59 -2.46 9.14
C ILE A 176 -10.85 -1.95 8.46
N MET A 177 -11.34 -0.79 8.86
CA MET A 177 -12.58 -0.23 8.28
C MET A 177 -12.44 -0.13 6.76
N LYS A 178 -11.34 0.44 6.26
CA LYS A 178 -11.13 0.67 4.81
C LYS A 178 -10.72 -0.62 4.07
N LEU A 179 -9.93 -1.51 4.70
CA LEU A 179 -9.56 -2.80 4.06
C LEU A 179 -10.81 -3.67 3.88
N SER A 180 -11.66 -3.72 4.91
CA SER A 180 -12.99 -4.39 4.93
C SER A 180 -13.79 -4.00 3.69
N GLU A 181 -13.96 -2.69 3.46
CA GLU A 181 -14.71 -2.18 2.32
C GLU A 181 -13.99 -2.53 1.02
N LEU A 182 -12.66 -2.50 0.99
CA LEU A 182 -11.88 -2.80 -0.23
C LEU A 182 -12.08 -4.29 -0.59
N ALA A 183 -11.96 -5.18 0.39
CA ALA A 183 -12.15 -6.63 0.16
C ALA A 183 -13.55 -6.85 -0.42
N ASN A 184 -14.57 -6.27 0.21
CA ASN A 184 -15.96 -6.29 -0.28
C ASN A 184 -16.02 -5.83 -1.76
N ASP A 185 -15.55 -4.62 -2.05
CA ASP A 185 -15.65 -3.99 -3.41
C ASP A 185 -14.88 -4.82 -4.44
N LEU A 186 -13.77 -5.44 -4.05
CA LEU A 186 -12.92 -6.21 -4.98
C LEU A 186 -13.70 -7.39 -5.59
N PHE A 187 -14.72 -7.92 -4.95
CA PHE A 187 -15.53 -9.05 -5.50
C PHE A 187 -16.14 -8.64 -6.85
N GLU A 188 -16.42 -7.35 -7.05
CA GLU A 188 -17.22 -6.83 -8.20
C GLU A 188 -16.30 -6.18 -9.23
N ILE A 189 -14.98 -6.38 -9.13
CA ILE A 189 -13.98 -5.70 -10.03
C ILE A 189 -13.20 -6.76 -10.79
N ASN A 190 -13.31 -6.75 -12.13
CA ASN A 190 -12.78 -7.82 -13.01
C ASN A 190 -11.38 -7.42 -13.53
N LEU A 191 -10.45 -7.25 -12.60
CA LEU A 191 -9.02 -6.96 -12.89
C LEU A 191 -8.18 -7.98 -12.12
N LYS A 192 -7.05 -8.39 -12.68
CA LYS A 192 -5.98 -9.13 -11.95
C LYS A 192 -4.99 -8.08 -11.45
N PHE A 193 -4.90 -7.87 -10.14
CA PHE A 193 -4.09 -6.79 -9.53
C PHE A 193 -2.64 -7.27 -9.40
N ASP A 194 -2.06 -7.81 -10.48
CA ASP A 194 -0.67 -8.33 -10.45
C ASP A 194 0.21 -7.17 -9.98
N GLY A 195 0.92 -7.37 -8.87
CA GLY A 195 2.04 -6.52 -8.47
C GLY A 195 1.63 -5.32 -7.65
N VAL A 196 0.34 -5.12 -7.33
CA VAL A 196 -0.11 -3.88 -6.61
C VAL A 196 0.23 -4.02 -5.12
N SER A 197 0.39 -2.87 -4.46
CA SER A 197 0.70 -2.77 -3.01
C SER A 197 -0.37 -1.95 -2.28
N LEU A 198 -0.50 -2.23 -0.98
CA LEU A 198 -1.10 -1.33 0.03
C LEU A 198 0.01 -0.48 0.63
N ILE A 199 -0.23 0.83 0.72
CA ILE A 199 0.62 1.80 1.45
C ILE A 199 -0.10 2.17 2.75
N PHE A 200 0.30 1.55 3.86
CA PHE A 200 -0.22 1.91 5.19
C PHE A 200 0.57 3.14 5.64
N ILE A 201 -0.15 4.17 6.10
CA ILE A 201 0.45 5.38 6.75
C ILE A 201 -0.28 5.67 8.05
N TYR A 202 0.48 6.16 9.02
CA TYR A 202 -0.02 6.75 10.28
C TYR A 202 1.02 7.77 10.71
N ASP A 203 0.59 8.79 11.43
CA ASP A 203 1.47 9.83 12.00
C ASP A 203 1.98 9.33 13.35
N ASP A 204 3.18 9.76 13.77
CA ASP A 204 3.80 9.43 15.09
C ASP A 204 2.79 9.67 16.22
N ASP A 205 2.04 10.79 16.19
CA ASP A 205 1.13 11.16 17.30
C ASP A 205 -0.16 10.35 17.20
N CYS A 206 -0.28 9.50 16.17
CA CYS A 206 -1.41 8.58 15.91
C CYS A 206 -2.71 9.37 15.66
N SER A 207 -2.64 10.60 15.15
CA SER A 207 -3.82 11.50 14.99
C SER A 207 -4.47 11.31 13.62
N LYS A 208 -3.76 10.64 12.72
CA LYS A 208 -4.23 10.48 11.33
C LYS A 208 -3.64 9.22 10.72
N CYS A 209 -4.37 8.55 9.84
CA CYS A 209 -3.84 7.35 9.17
C CYS A 209 -4.68 7.02 7.94
N ASP A 210 -4.17 6.12 7.11
CA ASP A 210 -4.82 5.77 5.85
C ASP A 210 -4.07 4.60 5.19
N VAL A 211 -4.78 3.96 4.28
CA VAL A 211 -4.22 2.86 3.45
C VAL A 211 -4.80 3.06 2.05
N ASN A 212 -3.96 3.00 1.03
CA ASN A 212 -4.39 3.15 -0.37
C ASN A 212 -3.69 2.08 -1.22
N VAL A 213 -4.27 1.80 -2.38
CA VAL A 213 -3.76 0.83 -3.39
C VAL A 213 -2.92 1.60 -4.41
N VAL A 214 -1.70 1.12 -4.67
CA VAL A 214 -0.76 1.74 -5.63
C VAL A 214 -0.03 0.68 -6.47
N ASP A 215 0.57 1.13 -7.58
CA ASP A 215 1.45 0.39 -8.53
C ASP A 215 0.56 -0.47 -9.43
N PHE A 216 0.02 0.12 -10.49
CA PHE A 216 -0.87 -0.57 -11.45
C PHE A 216 -0.10 -1.03 -12.70
N SER A 217 1.23 -1.07 -12.69
CA SER A 217 2.04 -1.20 -13.94
C SER A 217 1.84 -2.57 -14.56
N ARG A 218 1.56 -3.62 -13.77
CA ARG A 218 1.33 -5.02 -14.28
C ARG A 218 -0.15 -5.46 -14.15
N VAL A 219 -1.09 -4.57 -13.84
CA VAL A 219 -2.53 -4.96 -13.71
C VAL A 219 -3.08 -5.32 -15.10
N LYS A 220 -3.89 -6.37 -15.19
CA LYS A 220 -4.48 -6.91 -16.44
C LYS A 220 -6.00 -7.02 -16.33
N LEU A 221 -6.69 -6.96 -17.47
CA LEU A 221 -8.14 -7.24 -17.60
C LEU A 221 -8.33 -8.76 -17.54
N ILE A 222 -9.38 -9.22 -16.82
CA ILE A 222 -9.85 -10.64 -16.80
C ILE A 222 -11.39 -10.68 -16.73
N ASP A 223 -12.01 -11.87 -16.81
CA ASP A 223 -13.50 -12.03 -16.92
C ASP A 223 -14.10 -12.43 -15.58
N THR A 224 -13.27 -12.67 -14.57
CA THR A 224 -13.67 -12.94 -13.16
C THR A 224 -13.01 -11.89 -12.25
N ASN A 225 -13.17 -12.04 -10.94
CA ASN A 225 -12.48 -11.19 -9.93
C ASN A 225 -11.15 -11.84 -9.53
N ASP A 226 -10.39 -11.20 -8.64
CA ASP A 226 -9.01 -11.65 -8.27
C ASP A 226 -9.00 -12.21 -6.85
N GLN A 227 -9.11 -13.53 -6.70
CA GLN A 227 -9.24 -14.20 -5.38
C GLN A 227 -7.88 -14.16 -4.65
N MET A 228 -6.76 -14.21 -5.36
CA MET A 228 -5.43 -14.15 -4.71
C MET A 228 -5.30 -12.81 -3.96
N THR A 229 -5.71 -11.72 -4.61
CA THR A 229 -5.64 -10.34 -4.07
C THR A 229 -6.66 -10.19 -2.90
N ILE A 230 -7.86 -10.74 -3.02
CA ILE A 230 -8.88 -10.70 -1.93
C ILE A 230 -8.38 -11.49 -0.70
N SER A 231 -7.77 -12.65 -0.91
CA SER A 231 -7.18 -13.45 0.21
C SER A 231 -6.05 -12.67 0.89
N ALA A 232 -5.27 -11.90 0.13
CA ALA A 232 -4.20 -11.08 0.74
C ALA A 232 -4.84 -10.07 1.71
N VAL A 233 -5.85 -9.34 1.24
CA VAL A 233 -6.54 -8.29 2.03
C VAL A 233 -7.20 -8.95 3.24
N THR A 234 -8.00 -10.00 3.04
CA THR A 234 -8.72 -10.68 4.16
C THR A 234 -7.69 -11.15 5.20
N ASN A 235 -6.55 -11.64 4.77
CA ASN A 235 -5.50 -12.13 5.70
C ASN A 235 -5.01 -10.94 6.54
N LEU A 236 -4.78 -9.79 5.90
CA LEU A 236 -4.24 -8.63 6.63
C LEU A 236 -5.30 -8.19 7.63
N ILE A 237 -6.58 -8.22 7.21
CA ILE A 237 -7.70 -7.84 8.09
C ILE A 237 -7.70 -8.75 9.30
N LYS A 238 -7.48 -10.04 9.10
CA LYS A 238 -7.37 -11.03 10.20
C LYS A 238 -6.21 -10.62 11.12
N ILE A 239 -5.04 -10.38 10.54
CA ILE A 239 -3.83 -10.05 11.35
C ILE A 239 -4.09 -8.78 12.17
N LEU A 240 -4.58 -7.71 11.53
CA LEU A 240 -4.78 -6.38 12.19
C LEU A 240 -5.87 -6.50 13.29
N SER A 241 -6.92 -7.28 13.06
CA SER A 241 -8.00 -7.54 14.04
C SER A 241 -7.41 -8.17 15.31
N GLU A 242 -6.60 -9.21 15.14
CA GLU A 242 -5.86 -9.90 16.23
C GLU A 242 -5.10 -8.82 17.03
N LEU A 243 -4.37 -7.93 16.38
CA LEU A 243 -3.61 -6.86 17.09
C LEU A 243 -4.55 -5.88 17.82
N ALA A 244 -5.65 -5.44 17.23
CA ALA A 244 -6.55 -4.46 17.88
C ALA A 244 -7.25 -5.11 19.09
N ASP A 245 -7.39 -6.44 19.13
CA ASP A 245 -8.14 -7.14 20.22
C ASP A 245 -7.17 -7.65 21.27
N ASN A 246 -6.00 -8.16 20.86
CA ASN A 246 -4.90 -8.56 21.79
C ASN A 246 -4.85 -7.52 22.90
N PRO A 247 -5.02 -7.92 24.18
CA PRO A 247 -5.00 -6.97 25.30
C PRO A 247 -3.65 -6.76 26.01
N LEU A 248 -2.53 -6.93 25.30
CA LEU A 248 -1.13 -6.78 25.82
C LEU A 248 -0.31 -5.89 24.87
#